data_5FZL
#
_entry.id   5FZL
#
_cell.length_a   142.070
_cell.length_b   142.070
_cell.length_c   151.050
_cell.angle_alpha   90.00
_cell.angle_beta   90.00
_cell.angle_gamma   120.00
#
_symmetry.space_group_name_H-M   'P 65 2 2'
#
loop_
_entity.id
_entity.type
_entity.pdbx_description
1 polymer 'LYSINE-SPECIFIC DEMETHYLASE 5B'
2 non-polymer 'ZINC ION'
3 non-polymer 'DIMETHYL SULFOXIDE'
4 non-polymer 'MANGANESE (II) ION'
5 non-polymer 1,2-ETHANEDIOL
6 non-polymer 3-methyl-N-(pyridin-4-yl)-1,2-oxazole-5-carboxamide
7 non-polymer 'CHLORIDE ION'
8 non-polymer 'PHOSPHATE ION'
9 water water
#
_entity_poly.entity_id   1
_entity_poly.type   'polypeptide(L)'
_entity_poly.pdbx_seq_one_letter_code
;SMFLPPPECPVFEPSWEEFADPFAFIHKIRPIAEQTGICKVRPPPDWQPPFACDVDKLHFTPRIQRLNELEAQTRVKLGG
GGARDYTLRTFGEMADAFKSDYFNMPVHMVPTELVEKEFWRLVSTIEEDVTVEYGADIASKEFGSGFPVRDGKIKLSPEE
EEYLDSGWNLNNMPVMEQSVLAHITADICGMKLPWLYVGMCFSSFCWHIEDHWSYSINYLHWGEPKTWYGVPGYAAEQLE
NVMKKLAPELFVSQPDLLHQLVTIMNPNTLMTHEVPVYRTNQCAGEFVITFPRAYHSGFNQGFNFAEAVNFCTVDWLPLG
RQCVEHYRLLHRYCVFSHDEMICKMASKADVLDVVVASTVQKDMAIMIEDEKALRETVRKLGVIDSERMDFELLPDDERQ
CVKCKTTCFMSAISCSCKPGLLVCLHHVKELCSCPPYKYKLRYRYTLDDLYPMMNALKLRAESYNEWALNVNEALEAKI
;
_entity_poly.pdbx_strand_id   A
#
loop_
_chem_comp.id
_chem_comp.type
_chem_comp.name
_chem_comp.formula
CL non-polymer 'CHLORIDE ION' 'Cl -1'
DMS non-polymer 'DIMETHYL SULFOXIDE' 'C2 H6 O S'
EDO non-polymer 1,2-ETHANEDIOL 'C2 H6 O2'
MN non-polymer 'MANGANESE (II) ION' 'Mn 2'
PO4 non-polymer 'PHOSPHATE ION' 'O4 P -3'
UOI non-polymer 3-methyl-N-(pyridin-4-yl)-1,2-oxazole-5-carboxamide 'C10 H9 N3 O2'
ZN non-polymer 'ZINC ION' 'Zn 2'
#
# COMPACT_ATOMS: atom_id res chain seq x y z
N SER A 1 19.39 -14.51 22.88
CA SER A 1 19.82 -15.80 22.38
C SER A 1 18.88 -16.21 21.28
N MET A 2 19.38 -16.90 20.26
CA MET A 2 18.53 -17.32 19.14
C MET A 2 17.77 -16.10 18.60
N PHE A 3 16.52 -15.97 19.04
CA PHE A 3 15.65 -14.87 18.63
C PHE A 3 15.08 -14.16 19.86
N LEU A 4 15.25 -12.85 19.94
CA LEU A 4 14.57 -12.06 20.97
C LEU A 4 13.37 -11.37 20.33
N PRO A 5 12.14 -11.80 20.67
CA PRO A 5 10.95 -11.13 20.14
C PRO A 5 10.99 -9.63 20.36
N PRO A 6 10.66 -8.86 19.31
CA PRO A 6 10.54 -7.41 19.46
C PRO A 6 9.41 -7.06 20.45
N PRO A 7 9.46 -5.86 21.03
CA PRO A 7 8.38 -5.48 21.96
C PRO A 7 7.02 -5.49 21.26
N GLU A 8 5.93 -5.87 21.95
CA GLU A 8 4.60 -5.87 21.31
C GLU A 8 4.15 -4.47 20.84
N CYS A 9 3.42 -4.44 19.74
CA CYS A 9 2.82 -3.20 19.23
C CYS A 9 1.50 -2.88 19.97
N PRO A 10 1.04 -1.62 19.90
CA PRO A 10 -0.21 -1.21 20.55
C PRO A 10 -1.41 -2.04 20.10
N VAL A 11 -2.23 -2.44 21.06
CA VAL A 11 -3.48 -3.15 20.78
C VAL A 11 -4.64 -2.28 21.20
N PHE A 12 -5.63 -2.15 20.33
CA PHE A 12 -6.78 -1.30 20.63
C PHE A 12 -8.08 -2.10 20.64
N GLU A 13 -8.95 -1.73 21.58
CA GLU A 13 -10.29 -2.30 21.69
C GLU A 13 -11.31 -1.17 21.73
N PRO A 14 -11.69 -0.66 20.55
CA PRO A 14 -12.69 0.40 20.52
C PRO A 14 -14.04 -0.11 21.01
N SER A 15 -14.79 0.72 21.75
CA SER A 15 -16.21 0.48 22.02
C SER A 15 -16.99 0.73 20.74
N TRP A 16 -18.24 0.26 20.69
N TRP A 16 -18.24 0.26 20.69
CA TRP A 16 -19.03 0.37 19.46
CA TRP A 16 -19.07 0.42 19.48
C TRP A 16 -19.19 1.82 19.00
C TRP A 16 -19.13 1.85 18.98
N GLU A 17 -19.06 2.77 19.92
CA GLU A 17 -19.16 4.18 19.58
C GLU A 17 -17.92 4.63 18.82
N GLU A 18 -16.75 4.50 19.43
CA GLU A 18 -15.48 4.90 18.79
C GLU A 18 -15.19 4.02 17.57
N PHE A 19 -15.74 2.83 17.56
CA PHE A 19 -15.52 1.87 16.48
C PHE A 19 -16.36 2.18 15.26
N ALA A 20 -17.53 2.77 15.48
CA ALA A 20 -18.49 3.12 14.43
C ALA A 20 -17.85 3.69 13.18
N ASP A 21 -17.17 4.83 13.32
CA ASP A 21 -16.43 5.41 12.20
C ASP A 21 -14.97 4.98 12.20
N PRO A 22 -14.57 4.17 11.20
CA PRO A 22 -13.17 3.77 11.07
C PRO A 22 -12.24 4.98 11.00
N PHE A 23 -12.52 5.93 10.10
CA PHE A 23 -11.63 7.07 9.89
C PHE A 23 -11.49 7.94 11.14
N ALA A 24 -12.59 8.10 11.86
CA ALA A 24 -12.53 8.81 13.13
C ALA A 24 -11.56 8.09 14.06
N PHE A 25 -11.81 6.80 14.25
CA PHE A 25 -11.03 5.98 15.17
C PHE A 25 -9.53 5.96 14.85
N ILE A 26 -9.19 5.78 13.58
CA ILE A 26 -7.79 5.72 13.17
C ILE A 26 -7.09 7.02 13.52
N HIS A 27 -7.82 8.11 13.33
CA HIS A 27 -7.29 9.43 13.62
C HIS A 27 -7.01 9.58 15.12
N LYS A 28 -7.87 8.99 15.96
CA LYS A 28 -7.63 9.04 17.41
C LYS A 28 -6.33 8.33 17.78
N ILE A 29 -6.17 7.09 17.30
CA ILE A 29 -5.03 6.26 17.70
C ILE A 29 -3.73 6.69 17.03
N ARG A 30 -3.84 7.43 15.93
CA ARG A 30 -2.70 7.81 15.11
C ARG A 30 -1.45 8.34 15.87
N PRO A 31 -1.63 9.21 16.89
CA PRO A 31 -0.39 9.69 17.52
C PRO A 31 0.38 8.58 18.22
N ILE A 32 -0.35 7.61 18.75
CA ILE A 32 0.21 6.41 19.39
C ILE A 32 0.78 5.45 18.34
N ALA A 33 -0.10 4.90 17.52
CA ALA A 33 0.27 3.89 16.51
C ALA A 33 1.35 4.32 15.49
N GLU A 34 1.48 5.61 15.20
CA GLU A 34 2.45 6.02 14.20
C GLU A 34 3.86 5.97 14.78
N GLN A 35 3.95 5.71 16.08
CA GLN A 35 5.24 5.61 16.77
C GLN A 35 5.76 4.18 16.71
N THR A 36 4.87 3.26 16.35
CA THR A 36 5.21 1.86 16.26
C THR A 36 4.99 1.27 14.87
N GLY A 37 4.39 2.04 13.96
CA GLY A 37 4.27 1.63 12.57
C GLY A 37 3.04 0.78 12.33
N ILE A 38 2.92 -0.34 13.03
CA ILE A 38 1.70 -1.13 12.99
C ILE A 38 0.96 -0.98 14.31
N CYS A 39 -0.32 -1.34 14.28
CA CYS A 39 -1.06 -1.50 15.52
C CYS A 39 -2.17 -2.51 15.27
N LYS A 40 -2.77 -2.98 16.34
CA LYS A 40 -3.78 -4.01 16.21
C LYS A 40 -5.08 -3.44 16.74
N VAL A 41 -6.18 -3.85 16.13
CA VAL A 41 -7.49 -3.37 16.50
C VAL A 41 -8.41 -4.54 16.70
N ARG A 42 -8.92 -4.70 17.91
CA ARG A 42 -9.94 -5.73 18.10
C ARG A 42 -11.32 -5.10 18.14
N PRO A 43 -12.16 -5.52 17.19
CA PRO A 43 -13.56 -5.08 17.11
C PRO A 43 -14.27 -5.46 18.39
N PRO A 44 -15.26 -4.67 18.81
CA PRO A 44 -16.20 -5.11 19.87
C PRO A 44 -16.77 -6.47 19.49
N PRO A 45 -16.91 -7.38 20.48
CA PRO A 45 -17.22 -8.81 20.29
C PRO A 45 -18.52 -9.05 19.51
N ASP A 46 -19.44 -8.12 19.73
CA ASP A 46 -20.67 -7.96 18.96
C ASP A 46 -20.39 -8.14 17.48
N TRP A 47 -19.54 -7.23 16.99
CA TRP A 47 -19.12 -7.12 15.60
C TRP A 47 -18.48 -8.42 15.14
N GLN A 48 -19.21 -9.18 14.33
CA GLN A 48 -18.76 -10.48 13.90
C GLN A 48 -19.35 -10.78 12.53
N PRO A 49 -18.67 -10.30 11.48
CA PRO A 49 -19.08 -10.52 10.10
C PRO A 49 -19.19 -11.99 9.81
N PRO A 50 -20.28 -12.37 9.14
CA PRO A 50 -20.49 -13.76 8.76
C PRO A 50 -19.60 -14.10 7.58
N PHE A 51 -18.54 -14.86 7.83
CA PHE A 51 -17.84 -15.43 6.71
C PHE A 51 -18.50 -16.76 6.34
N ALA A 52 -19.13 -16.74 5.17
CA ALA A 52 -19.74 -17.94 4.63
C ALA A 52 -19.06 -18.29 3.33
N CYS A 53 -18.59 -19.52 3.22
CA CYS A 53 -18.02 -20.02 1.98
C CYS A 53 -18.06 -21.54 1.89
N ASP A 54 -18.14 -22.04 0.66
CA ASP A 54 -17.94 -23.46 0.38
C ASP A 54 -16.48 -23.65 0.00
N VAL A 55 -15.78 -24.46 0.79
CA VAL A 55 -14.34 -24.61 0.66
C VAL A 55 -13.97 -25.40 -0.59
N ASP A 56 -14.98 -25.94 -1.26
CA ASP A 56 -14.77 -26.82 -2.41
C ASP A 56 -14.92 -26.13 -3.76
N LYS A 57 -15.70 -25.03 -3.79
CA LYS A 57 -15.95 -24.35 -5.05
C LYS A 57 -14.96 -23.19 -5.29
N LEU A 58 -14.38 -22.67 -4.21
CA LEU A 58 -13.36 -21.62 -4.31
C LEU A 58 -11.97 -22.17 -4.71
N HIS A 59 -11.58 -21.99 -5.96
CA HIS A 59 -10.26 -22.40 -6.50
CA HIS A 59 -10.23 -22.40 -6.38
C HIS A 59 -9.32 -21.19 -6.55
N PHE A 60 -8.00 -21.44 -6.59
CA PHE A 60 -6.97 -20.42 -6.84
C PHE A 60 -5.64 -21.05 -7.19
N THR A 61 -4.77 -20.26 -7.81
CA THR A 61 -3.48 -20.77 -8.24
C THR A 61 -2.40 -20.47 -7.19
N PRO A 62 -1.74 -21.51 -6.70
CA PRO A 62 -0.71 -21.31 -5.67
C PRO A 62 0.51 -20.56 -6.18
N ARG A 63 1.03 -19.66 -5.38
CA ARG A 63 2.38 -19.15 -5.61
C ARG A 63 3.34 -19.94 -4.73
N ILE A 64 4.58 -20.09 -5.20
CA ILE A 64 5.59 -20.88 -4.50
C ILE A 64 6.64 -19.95 -3.89
N GLN A 65 7.16 -20.31 -2.72
CA GLN A 65 8.00 -19.41 -1.96
C GLN A 65 9.15 -20.18 -1.29
N ARG A 66 10.39 -19.78 -1.56
CA ARG A 66 11.56 -20.33 -0.85
C ARG A 66 11.83 -19.47 0.38
N LEU A 67 12.36 -20.07 1.43
CA LEU A 67 12.47 -19.34 2.69
C LEU A 67 13.91 -19.04 3.09
N ASN A 68 14.55 -18.13 2.36
CA ASN A 68 15.91 -17.72 2.67
C ASN A 68 16.01 -16.23 2.94
N GLU A 69 16.55 -15.91 4.11
CA GLU A 69 16.78 -14.53 4.53
C GLU A 69 17.74 -13.81 3.59
N LEU A 70 17.46 -12.52 3.36
CA LEU A 70 18.28 -11.63 2.50
C LEU A 70 18.26 -12.02 1.02
N GLU A 71 17.58 -13.11 0.69
CA GLU A 71 17.40 -13.48 -0.71
C GLU A 71 16.23 -12.69 -1.28
N ALA A 72 16.46 -12.10 -2.46
CA ALA A 72 15.47 -11.29 -3.15
C ALA A 72 14.29 -12.13 -3.61
N GLN A 73 13.10 -11.53 -3.53
CA GLN A 73 11.87 -12.12 -4.03
C GLN A 73 11.12 -11.00 -4.76
N THR A 74 10.18 -11.35 -5.64
CA THR A 74 9.40 -10.32 -6.32
C THR A 74 8.06 -10.12 -5.63
N ARG A 75 7.57 -8.87 -5.58
CA ARG A 75 6.24 -8.63 -5.00
C ARG A 75 5.23 -9.30 -5.94
N VAL A 76 4.21 -9.93 -5.36
CA VAL A 76 3.27 -10.79 -6.08
C VAL A 76 2.67 -10.16 -7.35
N LYS A 77 2.32 -11.01 -8.32
CA LYS A 77 1.80 -10.58 -9.62
C LYS A 77 0.30 -10.27 -9.59
N ARG A 84 0.10 -25.45 -10.17
CA ARG A 84 -1.13 -26.26 -10.19
C ARG A 84 -2.38 -25.44 -9.91
N ASP A 85 -3.32 -26.02 -9.17
CA ASP A 85 -4.50 -25.30 -8.71
C ASP A 85 -5.14 -25.97 -7.49
N TYR A 86 -5.47 -25.16 -6.48
CA TYR A 86 -6.03 -25.68 -5.22
C TYR A 86 -7.46 -25.26 -5.03
N THR A 87 -8.29 -26.11 -4.44
CA THR A 87 -9.50 -25.56 -3.82
C THR A 87 -9.05 -25.14 -2.44
N LEU A 88 -9.84 -24.29 -1.79
CA LEU A 88 -9.55 -23.88 -0.42
C LEU A 88 -9.46 -25.11 0.51
N ARG A 89 -10.25 -26.14 0.23
CA ARG A 89 -10.19 -27.35 1.04
C ARG A 89 -8.91 -28.14 0.83
N THR A 90 -8.54 -28.38 -0.42
CA THR A 90 -7.33 -29.16 -0.66
C THR A 90 -6.07 -28.43 -0.15
N PHE A 91 -6.07 -27.10 -0.27
CA PHE A 91 -4.99 -26.30 0.26
C PHE A 91 -4.95 -26.43 1.78
N GLY A 92 -6.13 -26.35 2.40
CA GLY A 92 -6.24 -26.45 3.84
C GLY A 92 -5.65 -27.76 4.30
N GLU A 93 -5.86 -28.79 3.49
CA GLU A 93 -5.42 -30.12 3.84
C GLU A 93 -3.91 -30.24 3.68
N MET A 94 -3.38 -29.69 2.60
CA MET A 94 -1.94 -29.65 2.39
C MET A 94 -1.28 -28.92 3.55
N ALA A 95 -1.81 -27.74 3.88
CA ALA A 95 -1.20 -26.84 4.86
C ALA A 95 -1.22 -27.40 6.28
N ASP A 96 -2.28 -28.11 6.64
CA ASP A 96 -2.36 -28.70 7.97
C ASP A 96 -1.48 -29.94 8.04
N ALA A 97 -1.51 -30.75 7.00
CA ALA A 97 -0.57 -31.85 6.86
C ALA A 97 0.88 -31.36 7.03
N PHE A 98 1.25 -30.29 6.32
CA PHE A 98 2.61 -29.75 6.39
C PHE A 98 2.99 -29.33 7.83
N LYS A 99 2.22 -28.43 8.42
CA LYS A 99 2.55 -27.96 9.77
C LYS A 99 2.64 -29.14 10.76
N SER A 100 1.68 -30.05 10.65
CA SER A 100 1.56 -31.19 11.55
C SER A 100 2.77 -32.14 11.41
N ASP A 101 3.21 -32.33 10.17
CA ASP A 101 4.37 -33.16 9.88
C ASP A 101 5.68 -32.51 10.28
N TYR A 102 5.78 -31.19 10.11
CA TYR A 102 6.99 -30.44 10.41
C TYR A 102 7.30 -30.51 11.89
N PHE A 103 6.26 -30.48 12.71
CA PHE A 103 6.46 -30.41 14.15
C PHE A 103 6.12 -31.71 14.87
N ASN A 104 5.65 -32.70 14.12
CA ASN A 104 5.03 -33.91 14.70
C ASN A 104 4.11 -33.59 15.88
N MET A 105 3.20 -32.65 15.65
CA MET A 105 2.26 -32.21 16.67
C MET A 105 0.91 -31.91 16.02
N PRO A 106 -0.17 -31.94 16.82
CA PRO A 106 -1.42 -31.34 16.31
C PRO A 106 -1.23 -29.83 16.09
N VAL A 107 -1.73 -29.27 14.99
CA VAL A 107 -1.37 -27.88 14.61
C VAL A 107 -1.65 -26.82 15.70
N HIS A 108 -2.72 -27.01 16.47
CA HIS A 108 -3.08 -26.00 17.47
C HIS A 108 -2.44 -26.31 18.81
N MET A 109 -1.35 -27.06 18.76
CA MET A 109 -0.61 -27.31 19.99
C MET A 109 0.83 -26.85 19.82
N VAL A 110 1.17 -26.36 18.63
CA VAL A 110 2.47 -25.70 18.46
C VAL A 110 2.42 -24.25 18.93
N PRO A 111 3.15 -23.93 20.01
CA PRO A 111 3.25 -22.56 20.53
C PRO A 111 3.64 -21.55 19.46
N THR A 112 3.08 -20.34 19.51
CA THR A 112 3.37 -19.35 18.46
C THR A 112 4.80 -18.94 18.61
N GLU A 113 5.28 -18.87 19.85
N GLU A 113 5.25 -18.86 19.87
CA GLU A 113 6.65 -18.47 20.12
CA GLU A 113 6.62 -18.56 20.23
C GLU A 113 7.63 -19.46 19.46
C GLU A 113 7.59 -19.46 19.45
N LEU A 114 7.22 -20.72 19.34
CA LEU A 114 8.07 -21.73 18.71
C LEU A 114 8.16 -21.53 17.20
N VAL A 115 6.99 -21.42 16.57
CA VAL A 115 6.94 -21.15 15.12
C VAL A 115 7.74 -19.91 14.76
N GLU A 116 7.64 -18.87 15.58
CA GLU A 116 8.43 -17.68 15.37
C GLU A 116 9.93 -17.99 15.39
N LYS A 117 10.40 -18.59 16.50
CA LYS A 117 11.79 -19.07 16.67
C LYS A 117 12.24 -19.89 15.49
N GLU A 118 11.34 -20.79 15.08
CA GLU A 118 11.65 -21.75 14.05
C GLU A 118 11.68 -21.10 12.69
N PHE A 119 10.78 -20.14 12.49
CA PHE A 119 10.77 -19.40 11.24
C PHE A 119 12.13 -18.76 11.03
N TRP A 120 12.56 -17.97 12.01
CA TRP A 120 13.83 -17.28 11.89
C TRP A 120 15.03 -18.23 11.86
N ARG A 121 14.91 -19.40 12.50
CA ARG A 121 15.99 -20.38 12.33
C ARG A 121 16.07 -20.84 10.88
N LEU A 122 14.96 -21.28 10.29
CA LEU A 122 15.06 -21.88 8.96
C LEU A 122 15.32 -20.86 7.84
N VAL A 123 15.03 -19.57 8.04
CA VAL A 123 15.33 -18.60 6.99
C VAL A 123 16.82 -18.19 6.99
N SER A 124 17.53 -18.47 8.09
CA SER A 124 18.94 -18.14 8.15
C SER A 124 19.84 -19.31 7.71
N THR A 125 19.48 -20.53 8.14
CA THR A 125 20.16 -21.77 7.71
C THR A 125 19.93 -22.09 6.24
N ILE A 126 20.94 -21.94 5.39
CA ILE A 126 20.72 -22.27 3.98
C ILE A 126 21.02 -23.77 3.75
N GLU A 127 21.21 -24.50 4.84
CA GLU A 127 21.21 -25.96 4.77
C GLU A 127 19.79 -26.42 4.42
N GLU A 128 18.84 -26.07 5.27
CA GLU A 128 17.42 -26.27 4.97
C GLU A 128 17.00 -25.53 3.72
N ASP A 129 16.26 -26.17 2.83
CA ASP A 129 15.51 -25.39 1.86
C ASP A 129 14.05 -25.81 1.87
N VAL A 130 13.35 -25.26 2.85
CA VAL A 130 11.90 -25.34 2.97
C VAL A 130 11.24 -24.45 1.93
N THR A 131 10.24 -24.98 1.23
CA THR A 131 9.47 -24.13 0.35
C THR A 131 8.00 -24.31 0.65
N VAL A 132 7.27 -23.21 0.66
CA VAL A 132 5.84 -23.25 0.97
C VAL A 132 5.07 -22.64 -0.19
N GLU A 133 3.75 -22.78 -0.11
CA GLU A 133 2.84 -22.23 -1.11
C GLU A 133 1.86 -21.28 -0.45
N TYR A 134 1.25 -20.41 -1.24
CA TYR A 134 0.24 -19.51 -0.71
C TYR A 134 -0.65 -18.97 -1.82
N GLY A 135 -1.70 -18.27 -1.41
CA GLY A 135 -2.55 -17.55 -2.33
C GLY A 135 -2.40 -16.06 -2.14
N ALA A 136 -2.26 -15.35 -3.25
CA ALA A 136 -2.37 -13.89 -3.22
C ALA A 136 -3.00 -13.41 -4.51
N ASP A 137 -4.11 -12.66 -4.39
CA ASP A 137 -4.91 -12.20 -5.53
C ASP A 137 -5.95 -11.19 -5.09
N ILE A 138 -6.27 -10.23 -5.96
CA ILE A 138 -7.43 -9.36 -5.69
C ILE A 138 -8.68 -10.19 -5.96
N ALA A 139 -9.79 -9.82 -5.34
CA ALA A 139 -11.01 -10.61 -5.46
C ALA A 139 -11.45 -10.75 -6.92
N SER A 140 -11.93 -11.94 -7.26
CA SER A 140 -12.39 -12.24 -8.63
C SER A 140 -13.59 -13.18 -8.59
N LYS A 141 -14.04 -13.61 -9.77
CA LYS A 141 -15.23 -14.46 -9.86
C LYS A 141 -15.01 -15.88 -9.29
N GLU A 142 -13.78 -16.37 -9.35
CA GLU A 142 -13.47 -17.72 -8.85
C GLU A 142 -13.17 -17.70 -7.35
N PHE A 143 -12.81 -16.52 -6.85
CA PHE A 143 -12.43 -16.34 -5.45
C PHE A 143 -12.73 -14.91 -5.00
N GLY A 144 -13.80 -14.74 -4.22
CA GLY A 144 -14.29 -13.42 -3.92
C GLY A 144 -13.98 -12.97 -2.51
N SER A 145 -14.27 -11.71 -2.24
CA SER A 145 -14.09 -11.13 -0.90
C SER A 145 -14.70 -12.01 0.17
N GLY A 146 -14.07 -12.06 1.34
CA GLY A 146 -14.60 -12.84 2.44
C GLY A 146 -15.66 -12.05 3.16
N PHE A 147 -15.73 -10.76 2.82
CA PHE A 147 -16.77 -9.86 3.31
C PHE A 147 -18.02 -9.93 2.41
N PRO A 148 -19.21 -9.58 2.95
CA PRO A 148 -20.44 -9.51 2.16
C PRO A 148 -20.37 -8.47 1.03
N VAL A 149 -20.68 -8.90 -0.19
CA VAL A 149 -20.76 -8.00 -1.34
C VAL A 149 -22.21 -7.89 -1.84
N ARG A 150 -22.42 -7.44 -3.08
CA ARG A 150 -23.77 -7.37 -3.63
C ARG A 150 -23.92 -8.15 -4.95
N ASP A 151 -24.94 -9.00 -5.01
CA ASP A 151 -25.22 -9.84 -6.18
C ASP A 151 -26.68 -9.77 -6.64
N ILE A 154 -26.86 -13.51 -5.46
CA ILE A 154 -27.53 -14.36 -4.49
C ILE A 154 -28.07 -13.54 -3.31
N LYS A 155 -29.00 -14.13 -2.58
CA LYS A 155 -29.70 -13.49 -1.46
C LYS A 155 -28.91 -13.61 -0.16
N LEU A 156 -28.87 -12.51 0.60
CA LEU A 156 -28.05 -12.43 1.81
C LEU A 156 -28.87 -12.67 3.08
N SER A 157 -28.21 -13.11 4.14
CA SER A 157 -28.86 -13.23 5.44
C SER A 157 -29.25 -11.86 5.96
N PRO A 158 -30.22 -11.79 6.88
CA PRO A 158 -30.49 -10.51 7.54
C PRO A 158 -29.26 -9.96 8.30
N GLU A 159 -28.34 -10.83 8.73
CA GLU A 159 -27.13 -10.37 9.41
C GLU A 159 -26.01 -10.02 8.43
N GLU A 160 -25.94 -10.74 7.33
CA GLU A 160 -24.95 -10.47 6.29
C GLU A 160 -25.08 -9.05 5.76
N GLU A 161 -26.31 -8.53 5.76
CA GLU A 161 -26.56 -7.17 5.29
C GLU A 161 -26.17 -6.12 6.33
N GLU A 162 -26.19 -6.49 7.62
CA GLU A 162 -25.69 -5.63 8.69
C GLU A 162 -24.27 -5.16 8.37
N TYR A 163 -23.47 -6.09 7.86
CA TYR A 163 -22.06 -5.85 7.58
C TYR A 163 -21.84 -5.47 6.11
N LEU A 164 -22.93 -5.46 5.35
CA LEU A 164 -22.88 -5.22 3.91
C LEU A 164 -22.27 -3.86 3.58
N ASP A 165 -22.47 -2.88 4.45
CA ASP A 165 -21.86 -1.58 4.26
C ASP A 165 -21.32 -1.00 5.55
N SER A 166 -20.70 -1.86 6.35
CA SER A 166 -19.92 -1.40 7.48
C SER A 166 -18.67 -0.69 6.97
N GLY A 167 -18.19 0.27 7.75
CA GLY A 167 -16.95 0.95 7.43
C GLY A 167 -15.75 0.01 7.45
N TRP A 168 -15.84 -1.05 8.27
CA TRP A 168 -14.73 -2.00 8.36
C TRP A 168 -14.93 -3.17 7.42
N ASN A 169 -15.95 -3.10 6.57
CA ASN A 169 -15.96 -3.97 5.39
C ASN A 169 -14.93 -3.37 4.45
N LEU A 170 -13.97 -4.18 4.02
CA LEU A 170 -12.81 -3.64 3.33
C LEU A 170 -13.10 -3.35 1.86
N ASN A 171 -14.20 -3.89 1.35
CA ASN A 171 -14.66 -3.49 0.02
C ASN A 171 -15.09 -2.03 -0.02
N ASN A 172 -15.58 -1.54 1.11
CA ASN A 172 -16.09 -0.17 1.23
C ASN A 172 -15.00 0.85 1.51
N MET A 173 -13.80 0.35 1.82
CA MET A 173 -12.71 1.24 2.22
C MET A 173 -12.21 2.14 1.11
N PRO A 174 -12.01 1.60 -0.12
CA PRO A 174 -11.70 2.56 -1.19
C PRO A 174 -12.73 3.69 -1.30
N VAL A 175 -13.99 3.29 -1.50
CA VAL A 175 -15.03 4.19 -1.98
C VAL A 175 -15.67 5.11 -0.92
N MET A 176 -15.15 5.14 0.31
CA MET A 176 -15.67 6.05 1.31
C MET A 176 -15.18 7.49 1.10
N GLU A 177 -15.94 8.44 1.63
CA GLU A 177 -15.76 9.86 1.27
C GLU A 177 -14.73 10.58 2.14
N GLN A 178 -14.26 9.92 3.18
CA GLN A 178 -13.21 10.47 4.05
C GLN A 178 -11.87 9.91 3.59
N SER A 179 -11.96 8.93 2.72
CA SER A 179 -10.82 8.41 1.98
C SER A 179 -10.57 9.28 0.77
N VAL A 180 -9.33 9.24 0.29
CA VAL A 180 -8.87 10.18 -0.72
C VAL A 180 -8.74 9.49 -2.08
N LEU A 181 -8.17 8.28 -2.09
CA LEU A 181 -8.11 7.43 -3.28
C LEU A 181 -9.48 7.17 -3.87
N ALA A 182 -10.51 7.46 -3.08
CA ALA A 182 -11.91 7.27 -3.45
C ALA A 182 -12.23 7.75 -4.86
N HIS A 183 -12.09 9.05 -5.06
CA HIS A 183 -12.58 9.69 -6.28
C HIS A 183 -11.55 9.63 -7.40
N ILE A 184 -10.48 8.85 -7.21
CA ILE A 184 -9.56 8.57 -8.31
C ILE A 184 -10.36 7.78 -9.35
N THR A 185 -10.46 8.34 -10.55
CA THR A 185 -11.19 7.67 -11.61
C THR A 185 -10.26 6.62 -12.20
N ALA A 186 -8.99 6.98 -12.33
CA ALA A 186 -7.97 6.08 -12.86
C ALA A 186 -8.01 4.71 -12.18
N ASP A 187 -8.02 3.66 -12.98
CA ASP A 187 -8.13 2.31 -12.45
C ASP A 187 -6.79 1.86 -11.85
N ILE A 188 -6.52 2.34 -10.65
CA ILE A 188 -5.39 1.86 -9.87
C ILE A 188 -5.77 0.50 -9.26
N CYS A 189 -6.03 -0.44 -10.16
CA CYS A 189 -6.46 -1.83 -9.92
C CYS A 189 -5.99 -2.46 -8.61
N GLY A 190 -4.68 -2.67 -8.52
CA GLY A 190 -4.07 -3.35 -7.38
C GLY A 190 -4.16 -2.56 -6.09
N MET A 191 -4.33 -1.24 -6.19
CA MET A 191 -4.27 -0.36 -5.03
C MET A 191 -5.61 -0.12 -4.35
N LYS A 192 -6.65 0.20 -5.11
CA LYS A 192 -7.93 0.56 -4.53
C LYS A 192 -8.80 -0.67 -4.19
N LEU A 193 -8.41 -1.86 -4.67
CA LEU A 193 -9.20 -3.07 -4.43
C LEU A 193 -8.53 -4.00 -3.42
N PRO A 194 -9.33 -4.71 -2.61
CA PRO A 194 -8.78 -5.62 -1.60
C PRO A 194 -7.98 -6.79 -2.20
N TRP A 195 -6.91 -7.16 -1.51
CA TRP A 195 -6.19 -8.39 -1.83
C TRP A 195 -6.63 -9.52 -0.91
N LEU A 196 -6.68 -10.72 -1.47
CA LEU A 196 -6.95 -11.92 -0.68
C LEU A 196 -5.69 -12.76 -0.47
N TYR A 197 -5.46 -13.14 0.79
CA TYR A 197 -4.27 -13.90 1.18
C TYR A 197 -4.64 -15.21 1.86
N VAL A 198 -4.34 -16.32 1.20
CA VAL A 198 -4.45 -17.65 1.83
C VAL A 198 -3.08 -18.13 2.35
N GLY A 199 -2.93 -18.19 3.68
CA GLY A 199 -1.67 -18.56 4.31
C GLY A 199 -1.52 -20.01 4.77
N MET A 200 -0.27 -20.45 4.87
CA MET A 200 0.08 -21.67 5.57
C MET A 200 1.26 -21.37 6.46
N CYS A 201 1.62 -22.33 7.31
CA CYS A 201 2.75 -22.18 8.21
C CYS A 201 4.03 -21.73 7.46
N PHE A 202 4.65 -20.65 7.95
CA PHE A 202 5.89 -20.07 7.40
C PHE A 202 5.72 -19.27 6.10
N SER A 203 4.56 -19.33 5.44
CA SER A 203 4.40 -18.49 4.24
C SER A 203 4.50 -17.05 4.72
N SER A 204 5.17 -16.21 3.96
CA SER A 204 5.54 -14.91 4.52
C SER A 204 5.48 -13.77 3.50
N PHE A 205 5.53 -12.55 4.02
CA PHE A 205 5.53 -11.40 3.16
C PHE A 205 6.70 -10.54 3.61
N CYS A 206 7.57 -10.22 2.66
CA CYS A 206 8.82 -9.53 2.93
C CYS A 206 8.63 -8.09 3.36
N TRP A 207 9.70 -7.51 3.88
CA TRP A 207 9.74 -6.12 4.27
C TRP A 207 9.36 -5.22 3.11
N HIS A 208 8.44 -4.29 3.38
CA HIS A 208 8.04 -3.32 2.37
C HIS A 208 7.24 -2.18 2.99
N ILE A 209 7.10 -1.09 2.24
CA ILE A 209 6.09 -0.09 2.56
C ILE A 209 5.04 -0.06 1.46
N GLU A 210 3.92 0.62 1.71
CA GLU A 210 2.84 0.62 0.71
C GLU A 210 3.18 1.60 -0.42
N ASP A 211 2.69 1.29 -1.61
CA ASP A 211 2.71 2.27 -2.70
C ASP A 211 2.20 3.64 -2.25
N HIS A 212 2.97 4.68 -2.58
CA HIS A 212 2.64 6.08 -2.30
C HIS A 212 2.55 6.37 -0.80
N TRP A 213 3.18 5.51 -0.01
CA TRP A 213 3.19 5.61 1.45
C TRP A 213 1.78 5.64 2.03
N SER A 214 0.86 4.90 1.41
CA SER A 214 -0.49 4.81 1.96
C SER A 214 -0.57 3.96 3.24
N TYR A 215 -1.65 4.16 4.00
CA TYR A 215 -2.07 3.22 5.03
C TYR A 215 -2.39 1.87 4.38
N SER A 216 -2.40 0.82 5.18
CA SER A 216 -3.12 -0.39 4.77
C SER A 216 -3.89 -0.83 5.99
N ILE A 217 -4.90 -1.67 5.75
CA ILE A 217 -5.66 -2.30 6.80
C ILE A 217 -5.84 -3.75 6.38
N ASN A 218 -5.61 -4.65 7.33
N ASN A 218 -5.55 -4.65 7.31
CA ASN A 218 -5.56 -6.07 7.07
CA ASN A 218 -5.56 -6.10 7.10
C ASN A 218 -6.48 -6.79 8.06
C ASN A 218 -6.53 -6.75 8.06
N TYR A 219 -7.35 -7.65 7.54
CA TYR A 219 -8.30 -8.36 8.39
C TYR A 219 -8.09 -9.83 8.31
N LEU A 220 -7.92 -10.47 9.47
CA LEU A 220 -7.81 -11.92 9.49
C LEU A 220 -9.22 -12.51 9.63
N HIS A 221 -9.70 -13.18 8.59
CA HIS A 221 -11.09 -13.66 8.60
C HIS A 221 -11.23 -14.84 9.53
N TRP A 222 -10.38 -15.85 9.30
CA TRP A 222 -10.32 -17.06 10.10
C TRP A 222 -8.96 -17.73 9.98
N GLY A 223 -8.75 -18.77 10.80
CA GLY A 223 -7.57 -19.59 10.71
C GLY A 223 -6.57 -19.23 11.78
N GLU A 224 -5.36 -19.77 11.65
CA GLU A 224 -4.36 -19.57 12.69
C GLU A 224 -3.77 -18.16 12.59
N PRO A 225 -3.05 -17.69 13.63
CA PRO A 225 -2.68 -16.27 13.61
C PRO A 225 -1.70 -15.91 12.51
N LYS A 226 -1.45 -14.59 12.38
CA LYS A 226 -0.46 -14.06 11.46
C LYS A 226 0.47 -13.22 12.30
N THR A 227 1.78 -13.41 12.13
CA THR A 227 2.74 -12.69 12.96
C THR A 227 3.29 -11.51 12.18
N TRP A 228 3.30 -10.34 12.80
CA TRP A 228 3.72 -9.10 12.13
C TRP A 228 4.95 -8.51 12.77
N TYR A 229 5.80 -7.91 11.95
CA TYR A 229 6.80 -6.99 12.47
C TYR A 229 6.56 -5.65 11.78
N GLY A 230 6.70 -4.56 12.53
CA GLY A 230 6.50 -3.22 12.00
C GLY A 230 7.54 -2.22 12.45
N VAL A 231 7.79 -1.22 11.62
CA VAL A 231 8.74 -0.15 11.92
C VAL A 231 8.04 1.20 11.72
N PRO A 232 8.13 2.11 12.70
CA PRO A 232 7.43 3.39 12.53
C PRO A 232 7.90 4.14 11.29
N GLY A 233 7.00 4.93 10.70
CA GLY A 233 7.30 5.71 9.52
C GLY A 233 8.56 6.55 9.65
N TYR A 234 8.84 7.02 10.86
CA TYR A 234 9.99 7.88 11.01
C TYR A 234 11.34 7.16 10.88
N ALA A 235 11.35 5.83 10.98
CA ALA A 235 12.62 5.11 10.94
C ALA A 235 12.83 4.43 9.59
N ALA A 236 12.01 4.80 8.61
CA ALA A 236 12.04 4.13 7.31
C ALA A 236 13.41 4.23 6.62
N GLU A 237 14.02 5.40 6.66
CA GLU A 237 15.29 5.57 5.92
C GLU A 237 16.41 4.89 6.69
N GLN A 238 16.30 4.89 8.01
CA GLN A 238 17.24 4.15 8.83
C GLN A 238 17.19 2.66 8.45
N LEU A 239 15.99 2.10 8.34
CA LEU A 239 15.86 0.72 7.92
C LEU A 239 16.43 0.50 6.53
N GLU A 240 16.18 1.43 5.61
CA GLU A 240 16.63 1.25 4.23
C GLU A 240 18.16 1.21 4.16
N ASN A 241 18.81 2.04 4.96
CA ASN A 241 20.26 2.06 5.03
C ASN A 241 20.86 0.76 5.58
N VAL A 242 20.21 0.20 6.59
CA VAL A 242 20.61 -1.09 7.12
C VAL A 242 20.48 -2.17 6.05
N MET A 243 19.48 -2.03 5.20
CA MET A 243 19.22 -3.06 4.20
C MET A 243 20.15 -2.88 2.98
N LYS A 244 20.52 -1.64 2.69
CA LYS A 244 21.52 -1.34 1.65
C LYS A 244 22.85 -2.05 1.92
N LYS A 245 23.33 -1.97 3.15
CA LYS A 245 24.59 -2.62 3.50
C LYS A 245 24.49 -4.14 3.43
N LEU A 246 23.62 -4.72 4.26
CA LEU A 246 23.55 -6.17 4.37
C LEU A 246 22.99 -6.87 3.13
N ALA A 247 22.27 -6.14 2.27
CA ALA A 247 21.70 -6.78 1.06
C ALA A 247 21.55 -5.83 -0.15
N PRO A 248 22.68 -5.30 -0.66
CA PRO A 248 22.69 -4.28 -1.73
C PRO A 248 22.06 -4.71 -3.06
N GLU A 249 21.89 -6.01 -3.28
CA GLU A 249 21.33 -6.54 -4.51
C GLU A 249 19.88 -6.09 -4.74
N LEU A 250 19.17 -5.82 -3.63
CA LEU A 250 17.77 -5.41 -3.65
C LEU A 250 17.54 -4.02 -4.22
N PHE A 251 18.63 -3.31 -4.46
CA PHE A 251 18.55 -1.88 -4.75
C PHE A 251 18.93 -1.54 -6.19
N VAL A 252 19.31 -2.54 -6.97
CA VAL A 252 19.58 -2.34 -8.40
C VAL A 252 18.25 -2.06 -9.13
N SER A 253 18.20 -0.95 -9.87
CA SER A 253 16.96 -0.44 -10.49
C SER A 253 16.20 -1.50 -11.29
N GLN A 254 14.90 -1.32 -11.44
CA GLN A 254 14.09 -2.31 -12.15
C GLN A 254 12.88 -1.72 -12.86
N PRO A 255 12.75 -2.01 -14.17
CA PRO A 255 11.50 -1.80 -14.92
C PRO A 255 10.32 -2.53 -14.26
N LEU A 258 7.24 -3.09 -11.50
CA LEU A 258 6.58 -4.01 -10.59
C LEU A 258 7.64 -4.96 -10.01
N HIS A 259 8.78 -5.05 -10.70
CA HIS A 259 9.81 -5.99 -10.27
C HIS A 259 10.75 -5.40 -9.23
N GLN A 260 10.18 -4.81 -8.17
CA GLN A 260 10.98 -4.30 -7.06
C GLN A 260 11.42 -5.56 -6.39
N LEU A 261 12.61 -5.59 -5.82
CA LEU A 261 12.99 -6.74 -5.02
C LEU A 261 12.77 -6.40 -3.55
N VAL A 262 12.21 -7.36 -2.84
CA VAL A 262 12.03 -7.25 -1.39
C VAL A 262 12.59 -8.49 -0.74
N THR A 263 12.75 -8.45 0.57
CA THR A 263 13.41 -9.56 1.22
C THR A 263 12.95 -9.80 2.64
N ILE A 264 13.24 -11.01 3.11
CA ILE A 264 13.07 -11.40 4.49
C ILE A 264 14.34 -11.00 5.27
N MET A 265 14.19 -10.39 6.43
CA MET A 265 15.34 -10.07 7.24
C MET A 265 14.96 -10.04 8.72
N ASN A 266 15.79 -10.65 9.55
CA ASN A 266 15.53 -10.76 10.98
C ASN A 266 15.35 -9.41 11.65
N PRO A 267 14.23 -9.21 12.34
CA PRO A 267 14.02 -8.00 13.15
C PRO A 267 15.18 -7.71 14.10
N ASN A 268 15.81 -8.75 14.67
CA ASN A 268 16.91 -8.54 15.63
C ASN A 268 18.07 -7.83 14.93
N THR A 269 18.30 -8.19 13.67
CA THR A 269 19.32 -7.52 12.89
C THR A 269 19.07 -6.01 12.80
N LEU A 270 17.79 -5.64 12.70
CA LEU A 270 17.44 -4.23 12.61
C LEU A 270 17.57 -3.56 13.96
N MET A 271 17.06 -4.23 15.00
CA MET A 271 17.14 -3.71 16.36
C MET A 271 18.60 -3.47 16.77
N THR A 272 19.46 -4.43 16.40
CA THR A 272 20.89 -4.32 16.61
C THR A 272 21.44 -3.03 15.98
N HIS A 273 20.96 -2.70 14.79
CA HIS A 273 21.39 -1.46 14.14
C HIS A 273 20.51 -0.26 14.47
N GLU A 274 19.90 -0.28 15.67
CA GLU A 274 19.16 0.85 16.22
C GLU A 274 17.84 1.21 15.50
N VAL A 275 17.28 0.26 14.74
CA VAL A 275 15.97 0.45 14.13
C VAL A 275 14.89 -0.11 15.04
N PRO A 276 13.93 0.74 15.44
CA PRO A 276 12.91 0.24 16.38
C PRO A 276 11.91 -0.67 15.69
N VAL A 277 11.72 -1.88 16.22
CA VAL A 277 10.83 -2.87 15.61
C VAL A 277 9.77 -3.27 16.63
N TYR A 278 8.55 -3.52 16.17
CA TYR A 278 7.45 -3.95 17.02
C TYR A 278 6.78 -5.18 16.41
N ARG A 279 6.09 -5.95 17.23
CA ARG A 279 5.51 -7.18 16.73
C ARG A 279 4.09 -7.33 17.24
N THR A 280 3.36 -8.26 16.65
CA THR A 280 2.12 -8.72 17.23
C THR A 280 1.74 -10.04 16.57
N ASN A 281 0.86 -10.79 17.22
CA ASN A 281 0.18 -11.88 16.54
C ASN A 281 -1.24 -11.42 16.27
N GLN A 282 -1.63 -11.46 15.01
CA GLN A 282 -2.95 -11.07 14.63
C GLN A 282 -3.77 -12.35 14.60
N CYS A 283 -4.82 -12.41 15.42
CA CYS A 283 -5.68 -13.59 15.44
C CYS A 283 -6.96 -13.35 14.66
N ALA A 284 -7.68 -14.43 14.35
CA ALA A 284 -8.94 -14.35 13.62
C ALA A 284 -9.87 -13.29 14.20
N GLY A 285 -10.44 -12.48 13.31
CA GLY A 285 -11.31 -11.38 13.70
C GLY A 285 -10.63 -10.13 14.21
N GLU A 286 -9.29 -10.11 14.20
CA GLU A 286 -8.57 -8.86 14.52
C GLU A 286 -8.09 -8.10 13.25
N PHE A 287 -7.89 -6.80 13.44
CA PHE A 287 -7.45 -5.91 12.39
C PHE A 287 -6.04 -5.48 12.67
N VAL A 288 -5.20 -5.47 11.64
CA VAL A 288 -3.91 -4.79 11.72
C VAL A 288 -3.94 -3.59 10.79
N ILE A 289 -3.49 -2.44 11.30
CA ILE A 289 -3.34 -1.24 10.50
C ILE A 289 -1.87 -0.86 10.37
N THR A 290 -1.39 -0.71 9.14
CA THR A 290 -0.07 -0.10 8.93
C THR A 290 -0.22 1.37 8.58
N PHE A 291 0.64 2.18 9.18
CA PHE A 291 0.65 3.61 8.99
C PHE A 291 1.63 4.02 7.85
N PRO A 292 1.59 5.30 7.43
CA PRO A 292 2.33 5.64 6.20
C PRO A 292 3.84 5.52 6.34
N ARG A 293 4.49 4.95 5.32
N ARG A 293 4.47 4.95 5.31
CA ARG A 293 5.95 4.84 5.29
CA ARG A 293 5.91 4.79 5.25
C ARG A 293 6.43 3.93 6.44
C ARG A 293 6.43 3.89 6.38
N ALA A 294 5.54 3.06 6.90
CA ALA A 294 5.87 2.11 7.97
C ALA A 294 6.19 0.72 7.42
N TYR A 295 7.46 0.33 7.48
CA TYR A 295 7.88 -0.97 7.01
C TYR A 295 7.24 -2.13 7.80
N HIS A 296 6.87 -3.20 7.10
CA HIS A 296 6.34 -4.35 7.80
C HIS A 296 6.67 -5.62 7.03
N SER A 297 6.53 -6.74 7.75
CA SER A 297 6.78 -8.08 7.24
C SER A 297 6.17 -9.02 8.25
N GLY A 298 6.00 -10.27 7.85
CA GLY A 298 5.56 -11.27 8.79
C GLY A 298 5.36 -12.59 8.10
N PHE A 299 4.81 -13.55 8.84
CA PHE A 299 4.64 -14.91 8.34
C PHE A 299 3.37 -15.45 8.96
N ASN A 300 2.81 -16.51 8.37
CA ASN A 300 1.65 -17.16 8.94
C ASN A 300 1.99 -18.34 9.89
N GLN A 301 1.24 -18.44 10.99
CA GLN A 301 1.41 -19.53 11.95
C GLN A 301 0.84 -20.84 11.41
N GLY A 302 -0.13 -20.74 10.51
CA GLY A 302 -0.69 -21.92 9.88
C GLY A 302 -1.75 -21.52 8.88
N PHE A 303 -2.70 -22.41 8.60
CA PHE A 303 -3.76 -22.17 7.64
C PHE A 303 -4.63 -20.97 8.06
N ASN A 304 -4.73 -20.00 7.17
CA ASN A 304 -5.60 -18.87 7.45
C ASN A 304 -6.01 -18.12 6.18
N PHE A 305 -6.87 -17.13 6.35
CA PHE A 305 -7.40 -16.34 5.25
C PHE A 305 -7.51 -14.88 5.64
N ALA A 306 -6.86 -14.03 4.86
CA ALA A 306 -6.83 -12.62 5.21
C ALA A 306 -7.22 -11.80 4.01
N GLU A 307 -7.70 -10.60 4.29
CA GLU A 307 -8.08 -9.67 3.25
C GLU A 307 -7.50 -8.34 3.63
N ALA A 308 -6.89 -7.64 2.67
CA ALA A 308 -6.23 -6.37 2.99
C ALA A 308 -6.52 -5.32 1.93
N VAL A 309 -6.44 -4.06 2.34
CA VAL A 309 -6.64 -3.00 1.39
C VAL A 309 -5.86 -1.78 1.81
N ASN A 310 -5.44 -1.08 0.77
CA ASN A 310 -4.75 0.21 0.80
C ASN A 310 -5.72 1.37 0.96
N PHE A 311 -5.35 2.40 1.70
CA PHE A 311 -6.22 3.56 1.79
C PHE A 311 -5.49 4.86 2.20
N CYS A 312 -6.12 6.01 1.96
CA CYS A 312 -5.50 7.31 2.20
C CYS A 312 -6.44 8.29 2.88
N THR A 313 -5.97 8.91 3.95
CA THR A 313 -6.78 9.87 4.69
C THR A 313 -6.28 11.27 4.35
N VAL A 314 -6.97 12.29 4.86
CA VAL A 314 -6.54 13.68 4.65
C VAL A 314 -5.18 13.88 5.29
N ASP A 315 -4.98 13.23 6.44
CA ASP A 315 -3.71 13.21 7.13
C ASP A 315 -2.55 12.87 6.17
N TRP A 316 -2.85 12.02 5.20
CA TRP A 316 -1.82 11.46 4.34
C TRP A 316 -1.37 12.38 3.20
N LEU A 317 -2.24 13.30 2.77
CA LEU A 317 -1.98 14.13 1.58
C LEU A 317 -0.57 14.75 1.49
N PRO A 318 -0.10 15.42 2.58
CA PRO A 318 1.28 15.92 2.44
C PRO A 318 2.30 14.78 2.28
N LEU A 319 2.05 13.66 2.93
CA LEU A 319 2.99 12.54 2.81
C LEU A 319 3.00 12.03 1.38
N GLY A 320 1.79 11.97 0.81
CA GLY A 320 1.60 11.60 -0.58
C GLY A 320 2.41 12.46 -1.54
N ARG A 321 2.49 13.76 -1.27
CA ARG A 321 3.35 14.63 -2.09
C ARG A 321 4.83 14.25 -1.87
N GLN A 322 5.26 14.23 -0.61
N GLN A 322 5.27 14.21 -0.62
CA GLN A 322 6.65 13.87 -0.26
CA GLN A 322 6.67 13.90 -0.34
C GLN A 322 7.09 12.54 -0.88
C GLN A 322 7.10 12.53 -0.90
N CYS A 323 6.20 11.55 -0.86
CA CYS A 323 6.50 10.25 -1.46
C CYS A 323 6.81 10.36 -2.97
N VAL A 324 6.02 11.15 -3.71
CA VAL A 324 6.21 11.28 -5.17
C VAL A 324 7.49 12.04 -5.51
N GLU A 325 7.83 13.01 -4.68
CA GLU A 325 9.11 13.69 -4.78
C GLU A 325 10.24 12.66 -4.65
N HIS A 326 10.15 11.90 -3.57
CA HIS A 326 11.06 10.79 -3.29
C HIS A 326 11.14 9.78 -4.43
N TYR A 327 10.01 9.38 -5.01
CA TYR A 327 10.02 8.45 -6.15
C TYR A 327 10.84 9.02 -7.30
N ARG A 328 10.67 10.32 -7.53
CA ARG A 328 11.36 11.00 -8.61
C ARG A 328 12.88 10.87 -8.44
N LEU A 329 13.38 11.13 -7.24
CA LEU A 329 14.81 10.98 -6.96
C LEU A 329 15.26 9.54 -7.20
N LEU A 330 14.52 8.58 -6.67
CA LEU A 330 14.78 7.15 -6.88
C LEU A 330 14.58 6.69 -8.33
N HIS A 331 13.98 7.54 -9.16
CA HIS A 331 13.50 7.11 -10.47
C HIS A 331 12.54 5.93 -10.34
N ARG A 332 11.79 5.89 -9.24
CA ARG A 332 10.80 4.82 -9.07
C ARG A 332 9.48 5.24 -9.72
N TYR A 333 8.87 4.32 -10.48
CA TYR A 333 7.54 4.52 -11.07
C TYR A 333 6.42 4.83 -10.06
N CYS A 334 5.47 5.66 -10.48
CA CYS A 334 4.28 5.95 -9.70
C CYS A 334 3.16 5.01 -10.09
N VAL A 335 2.22 4.80 -9.17
CA VAL A 335 1.03 4.03 -9.45
C VAL A 335 -0.03 4.92 -10.07
N PHE A 336 -0.05 6.17 -9.59
CA PHE A 336 -1.01 7.18 -10.07
C PHE A 336 -0.40 8.56 -9.91
N SER A 337 -0.97 9.57 -10.59
CA SER A 337 -0.45 10.92 -10.43
C SER A 337 -1.11 11.60 -9.22
N HIS A 338 -0.29 11.99 -8.25
CA HIS A 338 -0.77 12.68 -7.08
C HIS A 338 -1.48 13.98 -7.48
N ASP A 339 -0.83 14.73 -8.38
CA ASP A 339 -1.38 15.98 -8.88
C ASP A 339 -2.71 15.81 -9.62
N GLU A 340 -2.81 14.76 -10.41
CA GLU A 340 -4.06 14.50 -11.09
C GLU A 340 -5.15 14.26 -10.05
N MET A 341 -4.78 13.60 -8.95
CA MET A 341 -5.76 13.29 -7.93
C MET A 341 -6.25 14.58 -7.26
N ILE A 342 -5.29 15.42 -6.87
CA ILE A 342 -5.60 16.71 -6.26
C ILE A 342 -6.56 17.53 -7.14
N CYS A 343 -6.26 17.62 -8.44
CA CYS A 343 -7.06 18.45 -9.33
C CYS A 343 -8.45 17.85 -9.52
N LYS A 344 -8.55 16.52 -9.54
CA LYS A 344 -9.85 15.87 -9.65
C LYS A 344 -10.69 16.21 -8.43
N MET A 345 -10.06 16.22 -7.26
CA MET A 345 -10.75 16.63 -6.05
C MET A 345 -11.16 18.11 -6.11
N ALA A 346 -10.25 18.99 -6.53
CA ALA A 346 -10.60 20.41 -6.72
C ALA A 346 -11.79 20.59 -7.66
N SER A 347 -11.80 19.87 -8.78
CA SER A 347 -12.89 19.93 -9.74
C SER A 347 -14.24 19.44 -9.17
N LYS A 348 -14.21 18.71 -8.06
CA LYS A 348 -15.44 18.26 -7.41
C LYS A 348 -15.54 18.90 -6.02
N ALA A 349 -15.09 20.15 -5.93
CA ALA A 349 -14.99 20.84 -4.64
C ALA A 349 -16.35 21.03 -3.98
N ASP A 350 -17.37 21.27 -4.79
CA ASP A 350 -18.72 21.52 -4.26
C ASP A 350 -19.28 20.30 -3.53
N VAL A 351 -19.01 19.09 -4.02
CA VAL A 351 -19.51 17.87 -3.38
C VAL A 351 -18.51 17.23 -2.41
N LEU A 352 -17.49 18.00 -2.01
CA LEU A 352 -16.43 17.49 -1.14
C LEU A 352 -16.73 17.64 0.33
N ASP A 353 -16.33 16.64 1.11
CA ASP A 353 -16.27 16.76 2.55
C ASP A 353 -15.45 18.01 2.91
N VAL A 354 -15.95 18.80 3.86
CA VAL A 354 -15.37 20.12 4.16
C VAL A 354 -13.95 20.11 4.75
N VAL A 355 -13.65 19.17 5.65
CA VAL A 355 -12.29 19.07 6.20
C VAL A 355 -11.32 18.56 5.13
N VAL A 356 -11.82 17.63 4.31
CA VAL A 356 -11.12 17.18 3.11
C VAL A 356 -10.76 18.37 2.22
N ALA A 357 -11.73 19.25 2.01
CA ALA A 357 -11.53 20.36 1.10
C ALA A 357 -10.44 21.29 1.59
N SER A 358 -10.40 21.46 2.91
CA SER A 358 -9.40 22.33 3.53
C SER A 358 -7.98 21.79 3.33
N THR A 359 -7.86 20.47 3.30
CA THR A 359 -6.56 19.83 3.27
C THR A 359 -6.05 19.76 1.83
N VAL A 360 -6.96 19.45 0.90
CA VAL A 360 -6.68 19.51 -0.51
C VAL A 360 -6.20 20.93 -0.89
N GLN A 361 -6.91 21.93 -0.38
CA GLN A 361 -6.53 23.34 -0.58
C GLN A 361 -5.08 23.63 -0.21
N LYS A 362 -4.63 23.14 0.95
CA LYS A 362 -3.28 23.45 1.39
C LYS A 362 -2.27 22.76 0.47
N ASP A 363 -2.61 21.54 0.05
CA ASP A 363 -1.76 20.80 -0.89
C ASP A 363 -1.79 21.39 -2.29
N MET A 364 -2.95 21.92 -2.69
CA MET A 364 -3.06 22.58 -3.97
C MET A 364 -2.15 23.81 -4.00
N ALA A 365 -2.15 24.56 -2.89
CA ALA A 365 -1.35 25.78 -2.78
C ALA A 365 0.14 25.51 -2.97
N ILE A 366 0.63 24.42 -2.42
CA ILE A 366 2.01 24.03 -2.60
C ILE A 366 2.24 23.60 -4.04
N MET A 367 1.31 22.83 -4.58
CA MET A 367 1.42 22.32 -5.93
C MET A 367 1.57 23.50 -6.90
N ILE A 368 0.79 24.55 -6.67
CA ILE A 368 0.72 25.65 -7.62
C ILE A 368 2.01 26.47 -7.56
N GLU A 369 2.44 26.82 -6.36
CA GLU A 369 3.64 27.63 -6.28
C GLU A 369 4.88 26.86 -6.76
N ASP A 370 4.96 25.55 -6.50
CA ASP A 370 6.03 24.75 -7.10
C ASP A 370 5.98 24.82 -8.62
N GLU A 371 4.77 24.67 -9.17
CA GLU A 371 4.59 24.64 -10.62
C GLU A 371 4.94 25.98 -11.29
N LYS A 372 4.58 27.08 -10.61
CA LYS A 372 4.95 28.42 -11.08
C LYS A 372 6.46 28.51 -11.22
N ALA A 373 7.15 28.12 -10.16
CA ALA A 373 8.60 28.18 -10.16
C ALA A 373 9.19 27.33 -11.29
N LEU A 374 8.68 26.12 -11.46
CA LEU A 374 9.23 25.21 -12.45
C LEU A 374 9.01 25.74 -13.86
N ARG A 375 7.89 26.44 -14.09
CA ARG A 375 7.59 26.98 -15.41
C ARG A 375 8.49 28.19 -15.71
N GLU A 376 8.80 28.96 -14.67
CA GLU A 376 9.75 30.07 -14.80
C GLU A 376 11.12 29.53 -15.22
N THR A 377 11.53 28.47 -14.56
CA THR A 377 12.81 27.86 -14.85
C THR A 377 12.90 27.36 -16.29
N VAL A 378 11.88 26.68 -16.81
CA VAL A 378 12.01 26.13 -18.16
C VAL A 378 11.82 27.25 -19.19
N ARG A 379 11.14 28.33 -18.82
CA ARG A 379 11.10 29.51 -19.67
C ARG A 379 12.52 30.07 -19.86
N LYS A 380 13.26 30.23 -18.76
CA LYS A 380 14.63 30.80 -18.80
C LYS A 380 15.60 29.83 -19.39
N LEU A 381 15.12 28.67 -19.82
CA LEU A 381 15.96 27.69 -20.49
C LEU A 381 15.69 27.71 -22.00
N GLY A 382 14.74 28.54 -22.41
CA GLY A 382 14.51 28.78 -23.82
C GLY A 382 13.30 28.07 -24.36
N VAL A 383 12.53 27.45 -23.47
CA VAL A 383 11.32 26.79 -23.91
C VAL A 383 10.22 27.84 -23.97
N ILE A 384 9.74 28.08 -25.17
CA ILE A 384 8.90 29.24 -25.44
C ILE A 384 7.55 28.83 -25.89
N ASP A 385 7.56 27.95 -26.89
CA ASP A 385 6.35 27.37 -27.41
C ASP A 385 5.62 26.57 -26.31
N SER A 386 4.31 26.44 -26.42
CA SER A 386 3.55 25.70 -25.43
C SER A 386 2.14 25.37 -25.94
N GLU A 387 1.53 24.32 -25.42
CA GLU A 387 0.17 23.94 -25.83
C GLU A 387 -0.48 23.15 -24.70
N ARG A 388 -1.75 23.41 -24.41
CA ARG A 388 -2.44 22.62 -23.41
C ARG A 388 -2.41 21.16 -23.84
N MET A 389 -2.39 20.27 -22.86
CA MET A 389 -2.37 18.85 -23.14
C MET A 389 -3.16 18.12 -22.05
N ASP A 390 -4.17 17.36 -22.45
CA ASP A 390 -4.90 16.51 -21.49
C ASP A 390 -4.15 15.23 -21.10
N PHE A 391 -3.20 15.35 -20.17
CA PHE A 391 -2.42 14.20 -19.71
C PHE A 391 -3.25 13.01 -19.25
N GLU A 392 -4.42 13.25 -18.67
CA GLU A 392 -5.18 12.15 -18.07
C GLU A 392 -5.68 11.16 -19.12
N LEU A 393 -5.71 11.60 -20.37
CA LEU A 393 -6.13 10.75 -21.49
C LEU A 393 -5.04 9.77 -21.90
N LEU A 394 -3.79 10.15 -21.68
CA LEU A 394 -2.68 9.24 -21.98
C LEU A 394 -2.61 8.08 -21.00
N PRO A 395 -2.46 6.86 -21.54
CA PRO A 395 -2.04 5.70 -20.76
C PRO A 395 -0.82 6.08 -19.90
N ASP A 396 -0.73 5.61 -18.67
CA ASP A 396 0.34 6.07 -17.77
C ASP A 396 1.74 5.81 -18.32
N ASP A 397 1.89 4.69 -19.04
CA ASP A 397 3.18 4.34 -19.59
C ASP A 397 3.52 5.24 -20.77
N GLU A 398 2.52 5.94 -21.29
CA GLU A 398 2.76 6.92 -22.35
C GLU A 398 3.05 8.32 -21.79
N ARG A 399 3.12 8.48 -20.46
CA ARG A 399 3.36 9.82 -19.93
C ARG A 399 4.29 9.87 -18.73
N GLN A 400 5.27 8.98 -18.71
CA GLN A 400 6.30 9.03 -17.68
C GLN A 400 7.48 9.83 -18.13
N CYS A 401 8.08 10.57 -17.20
CA CYS A 401 9.30 11.26 -17.50
C CYS A 401 10.39 10.28 -17.92
N VAL A 402 10.95 10.48 -19.11
CA VAL A 402 11.94 9.57 -19.66
C VAL A 402 13.16 9.40 -18.74
N LYS A 403 13.45 10.41 -17.90
CA LYS A 403 14.52 10.33 -16.91
C LYS A 403 14.13 9.72 -15.55
N CYS A 404 13.24 10.40 -14.81
CA CYS A 404 12.94 9.99 -13.43
C CYS A 404 11.69 9.12 -13.33
N LYS A 405 11.05 8.91 -14.47
CA LYS A 405 9.92 7.97 -14.59
C LYS A 405 8.62 8.43 -13.91
N THR A 406 8.63 9.61 -13.31
CA THR A 406 7.42 10.13 -12.71
C THR A 406 6.27 10.28 -13.72
N THR A 407 5.05 10.09 -13.25
CA THR A 407 3.89 10.21 -14.13
C THR A 407 3.51 11.69 -14.32
N CYS A 408 3.54 12.17 -15.54
CA CYS A 408 3.31 13.59 -15.77
C CYS A 408 1.82 13.91 -15.72
N PHE A 409 1.47 15.05 -15.12
CA PHE A 409 0.11 15.57 -15.27
C PHE A 409 0.04 17.11 -15.36
N MET A 410 0.70 17.82 -14.45
CA MET A 410 0.66 19.28 -14.50
C MET A 410 1.33 19.82 -15.79
N SER A 411 2.52 19.30 -16.09
CA SER A 411 3.37 19.82 -17.16
C SER A 411 4.44 18.82 -17.62
N ALA A 412 4.80 18.93 -18.88
CA ALA A 412 5.86 18.11 -19.44
C ALA A 412 6.54 18.87 -20.58
N ILE A 413 7.74 18.44 -20.94
CA ILE A 413 8.41 18.97 -22.11
C ILE A 413 8.43 17.90 -23.18
N SER A 414 8.02 18.25 -24.39
CA SER A 414 8.16 17.37 -25.54
C SER A 414 9.10 18.01 -26.55
N CYS A 415 9.49 17.25 -27.56
CA CYS A 415 10.36 17.78 -28.62
C CYS A 415 10.02 17.10 -29.93
N SER A 416 10.03 17.86 -31.01
CA SER A 416 9.68 17.31 -32.32
C SER A 416 10.73 16.28 -32.77
N CYS A 417 11.95 16.45 -32.27
CA CYS A 417 13.08 15.55 -32.51
C CYS A 417 12.92 14.16 -31.90
N LYS A 418 12.32 14.09 -30.70
CA LYS A 418 12.00 12.82 -30.06
C LYS A 418 10.50 12.68 -29.89
N PRO A 419 9.80 12.36 -30.98
CA PRO A 419 8.33 12.27 -30.95
C PRO A 419 7.84 11.28 -29.90
N GLY A 420 6.87 11.68 -29.08
CA GLY A 420 6.31 10.78 -28.10
C GLY A 420 7.03 10.70 -26.75
N LEU A 421 8.30 11.07 -26.69
CA LEU A 421 8.94 11.12 -25.39
C LEU A 421 8.53 12.37 -24.61
N LEU A 422 8.60 12.28 -23.28
CA LEU A 422 8.32 13.43 -22.40
C LEU A 422 9.32 13.47 -21.27
N VAL A 423 9.55 14.66 -20.71
CA VAL A 423 10.25 14.77 -19.43
C VAL A 423 9.45 15.66 -18.48
N CYS A 424 9.59 15.43 -17.18
CA CYS A 424 9.01 16.36 -16.24
C CYS A 424 9.83 17.67 -16.32
N LEU A 425 9.39 18.71 -15.61
CA LEU A 425 10.07 19.99 -15.75
C LEU A 425 11.39 20.00 -14.97
N HIS A 426 11.64 18.94 -14.21
CA HIS A 426 12.90 18.81 -13.48
C HIS A 426 13.97 18.29 -14.40
N HIS A 427 13.56 17.64 -15.49
CA HIS A 427 14.53 16.98 -16.35
C HIS A 427 14.42 17.43 -17.81
N VAL A 428 14.12 18.72 -17.99
CA VAL A 428 14.15 19.38 -19.29
C VAL A 428 15.41 19.05 -20.10
N LYS A 429 16.57 19.19 -19.46
CA LYS A 429 17.84 18.96 -20.12
C LYS A 429 18.07 17.50 -20.56
N GLU A 430 17.15 16.58 -20.22
CA GLU A 430 17.36 15.16 -20.49
C GLU A 430 16.52 14.51 -21.60
N LEU A 431 15.94 15.29 -22.49
CA LEU A 431 15.00 14.74 -23.49
C LEU A 431 15.65 14.46 -24.85
N CYS A 432 16.51 15.38 -25.31
CA CYS A 432 17.20 15.25 -26.60
C CYS A 432 18.22 16.38 -26.74
N SER A 433 18.86 16.46 -27.89
CA SER A 433 19.98 17.40 -28.05
C SER A 433 19.65 18.58 -28.95
N CYS A 434 18.38 18.73 -29.29
CA CYS A 434 17.93 19.89 -30.07
C CYS A 434 18.00 21.17 -29.23
N PRO A 435 18.01 22.34 -29.92
CA PRO A 435 18.04 23.63 -29.22
C PRO A 435 16.66 23.99 -28.65
N PRO A 436 16.63 24.84 -27.60
CA PRO A 436 15.46 25.08 -26.76
C PRO A 436 14.17 25.42 -27.51
N TYR A 437 14.27 26.14 -28.62
CA TYR A 437 13.08 26.59 -29.32
C TYR A 437 12.37 25.44 -30.04
N LYS A 438 13.00 24.26 -30.11
CA LYS A 438 12.33 23.09 -30.65
C LYS A 438 11.57 22.31 -29.57
N TYR A 439 11.71 22.75 -28.32
CA TYR A 439 10.98 22.14 -27.23
C TYR A 439 9.62 22.80 -27.12
N LYS A 440 8.70 22.10 -26.47
CA LYS A 440 7.34 22.59 -26.28
C LYS A 440 6.87 22.25 -24.86
N LEU A 441 6.38 23.24 -24.13
CA LEU A 441 5.80 22.98 -22.84
C LEU A 441 4.36 22.47 -23.02
N ARG A 442 4.14 21.21 -22.67
CA ARG A 442 2.78 20.66 -22.64
CA ARG A 442 2.80 20.66 -22.65
C ARG A 442 2.24 20.79 -21.22
N TYR A 443 1.15 21.54 -21.07
CA TYR A 443 0.59 21.83 -19.74
C TYR A 443 -0.89 21.45 -19.64
N ARG A 444 -1.32 21.00 -18.46
CA ARG A 444 -2.72 20.67 -18.28
C ARG A 444 -3.56 21.93 -18.03
N TYR A 445 -3.07 22.78 -17.12
CA TYR A 445 -3.77 24.00 -16.74
C TYR A 445 -2.84 25.21 -16.74
N THR A 446 -3.40 26.38 -17.07
CA THR A 446 -2.69 27.65 -16.91
C THR A 446 -2.82 28.04 -15.46
N LEU A 447 -1.89 28.85 -14.96
CA LEU A 447 -2.00 29.35 -13.58
C LEU A 447 -3.35 30.02 -13.39
N ASP A 448 -3.85 30.66 -14.43
CA ASP A 448 -5.18 31.25 -14.39
C ASP A 448 -6.30 30.21 -14.26
N ASP A 449 -6.17 29.02 -14.84
CA ASP A 449 -7.15 27.97 -14.57
C ASP A 449 -7.08 27.49 -13.12
N LEU A 450 -5.86 27.48 -12.56
CA LEU A 450 -5.59 26.82 -11.28
C LEU A 450 -6.11 27.58 -10.05
N TYR A 451 -5.82 28.89 -9.99
CA TYR A 451 -6.22 29.68 -8.82
C TYR A 451 -7.74 29.66 -8.54
N PRO A 452 -8.60 29.74 -9.57
CA PRO A 452 -10.03 29.52 -9.29
C PRO A 452 -10.36 28.14 -8.72
N MET A 453 -9.63 27.10 -9.13
CA MET A 453 -9.90 25.75 -8.67
C MET A 453 -9.58 25.68 -7.18
N MET A 454 -8.48 26.32 -6.80
CA MET A 454 -8.13 26.38 -5.40
C MET A 454 -9.14 27.24 -4.61
N ASN A 455 -9.53 28.38 -5.17
N ASN A 455 -9.53 28.36 -5.21
CA ASN A 455 -10.52 29.25 -4.51
CA ASN A 455 -10.50 29.27 -4.63
C ASN A 455 -11.84 28.54 -4.22
C ASN A 455 -11.84 28.61 -4.29
N ALA A 456 -12.25 27.63 -5.10
CA ALA A 456 -13.47 26.87 -4.83
C ALA A 456 -13.28 25.99 -3.61
N LEU A 457 -12.07 25.46 -3.45
CA LEU A 457 -11.73 24.69 -2.25
C LEU A 457 -11.77 25.58 -1.01
N LYS A 458 -11.19 26.79 -1.11
CA LYS A 458 -11.19 27.71 0.03
C LYS A 458 -12.61 28.07 0.46
N LEU A 459 -13.50 28.24 -0.53
CA LEU A 459 -14.90 28.54 -0.25
C LEU A 459 -15.58 27.37 0.46
N ARG A 460 -15.43 26.17 -0.09
CA ARG A 460 -16.09 24.99 0.46
C ARG A 460 -15.61 24.73 1.90
N ALA A 461 -14.41 25.18 2.21
CA ALA A 461 -13.83 25.00 3.55
C ALA A 461 -14.12 26.19 4.45
N GLU A 462 -14.40 27.34 3.84
CA GLU A 462 -14.58 28.63 4.51
C GLU A 462 -13.28 29.08 5.17
ZN ZN B . 11.62 13.71 -14.57
S DMS C . -2.56 -5.08 0.18
O DMS C . -1.59 -6.15 0.62
C1 DMS C . -1.94 -4.28 -1.33
C2 DMS C . -2.54 -3.70 1.36
MN MN D . 1.73 -4.29 3.15
C1 EDO E . 4.45 16.46 -13.37
O1 EDO E . 3.80 16.54 -14.64
C2 EDO E . 3.72 17.28 -12.30
O2 EDO E . 2.39 16.79 -12.05
C1 EDO F . -6.05 -16.24 -3.86
O1 EDO F . -5.86 -15.91 -2.48
C2 EDO F . -7.42 -15.74 -4.27
O2 EDO F . -7.62 -15.98 -5.67
C1 EDO G . 1.74 28.57 -20.66
O1 EDO G . 2.52 27.99 -19.59
C2 EDO G . 0.34 28.77 -20.09
O2 EDO G . 0.47 29.16 -18.72
C1 EDO H . 4.80 18.87 -9.28
O1 EDO H . 3.65 18.85 -8.42
C2 EDO H . 5.14 20.32 -9.54
O2 EDO H . 4.05 21.10 -9.01
C1 EDO I . 12.94 -1.49 19.96
O1 EDO I . 12.12 -2.49 19.32
C2 EDO I . 12.07 -0.33 20.48
O2 EDO I . 12.86 0.61 21.21
C1 EDO J . 6.89 9.60 -22.59
O1 EDO J . 8.17 9.61 -21.90
C2 EDO J . 6.31 8.18 -22.63
O2 EDO J . 6.19 7.65 -21.30
C1 EDO K . 7.04 9.78 8.10
O1 EDO K . 6.84 9.58 9.51
C2 EDO K . 8.53 10.00 7.81
O2 EDO K . 8.71 10.05 6.38
C1 EDO L . 6.64 28.06 -22.18
O1 EDO L . 7.79 28.27 -21.34
C2 EDO L . 5.79 29.33 -22.25
O2 EDO L . 6.53 30.35 -22.92
C1 EDO M . 25.94 1.29 11.83
O1 EDO M . 26.59 0.20 12.50
C2 EDO M . 24.45 1.28 12.15
O2 EDO M . 24.27 1.50 13.57
C1 EDO N . 5.88 -8.28 0.17
O1 EDO N . 5.39 -9.58 -0.22
C2 EDO N . 5.58 -7.27 -0.95
O2 EDO N . 4.16 -7.09 -1.06
C01 UOI O . 2.21 -15.37 1.89
C02 UOI O . 1.19 -14.51 2.61
C03 UOI O . 1.25 -13.14 2.73
C04 UOI O . 0.14 -12.74 3.46
C05 UOI O . -0.11 -11.29 3.80
N06 UOI O . 0.78 -10.48 3.07
C07 UOI O . 0.97 -9.07 3.10
C08 UOI O . 1.53 -8.48 1.96
C09 UOI O . 1.79 -7.13 1.97
N10 UOI O . 1.54 -6.39 3.05
C11 UOI O . 1.01 -6.94 4.18
C12 UOI O . 0.73 -8.30 4.22
O13 UOI O . -0.94 -10.90 4.60
O14 UOI O . -0.59 -13.82 3.78
N15 UOI O . 0.06 -14.92 3.23
CL CL P . 16.80 -21.41 4.18
P PO4 Q . 18.56 12.82 -11.35
O1 PO4 Q . 20.06 12.61 -11.25
O2 PO4 Q . 18.20 14.27 -11.02
O3 PO4 Q . 18.12 12.53 -12.77
O4 PO4 Q . 17.85 11.87 -10.41
#